data_2PA5
#
_entry.id   2PA5
#
_cell.length_a   39.965
_cell.length_b   57.427
_cell.length_c   66.446
_cell.angle_alpha   77.44
_cell.angle_beta   78.22
_cell.angle_gamma   80.41
#
_symmetry.space_group_name_H-M   'P 1'
#
loop_
_entity.id
_entity.type
_entity.pdbx_description
1 polymer 'Tyrosine-protein phosphatase non-receptor type 9'
2 non-polymer 'CHLORIDE ION'
3 non-polymer 'THIOCYANATE ION'
4 non-polymer 1,2-ETHANEDIOL
5 water water
#
_entity_poly.entity_id   1
_entity_poly.type   'polypeptide(L)'
_entity_poly.pdbx_seq_one_letter_code
;MSVHVPGPHAMTIQELVDYVNARQKQGIYEEYEDIRRENPVGTFHCSMSPGNLEKNRYGDVPCLDQTRVKLTKRSGHTQT
DYINASFMDGYKQKNAYIGTQGPLENTYRDFWLMVWEQKVLVIVMTTRFEEGGRRKCGQYWPLEKDSRIRFGFLTVTNLG
VENMNHYKKTTLEIHNTEERQKRQVTHFQFLSWPDYGVPSSAASLIDFLRVVRNQQSLAVSNMGARSKGQCPEPPIVVHC
SAGIGRTGTFCSLDICLAQLEELGTLNVFQTVSRMRTQRAFSIQTPEQYYFCYKAILEFAEKEGMVSAHHHHHH
;
_entity_poly.pdbx_strand_id   A,B
#
# COMPACT_ATOMS: atom_id res chain seq x y z
N SER A 2 -33.72 3.18 -1.53
CA SER A 2 -32.27 3.33 -1.95
C SER A 2 -32.08 3.28 -3.45
N VAL A 3 -31.13 4.09 -3.98
CA VAL A 3 -30.75 3.94 -5.39
C VAL A 3 -30.03 2.62 -5.66
N HIS A 4 -29.43 2.01 -4.62
CA HIS A 4 -28.71 0.77 -4.78
C HIS A 4 -29.58 -0.45 -4.55
N VAL A 5 -30.25 -0.85 -5.62
CA VAL A 5 -31.09 -2.04 -5.63
C VAL A 5 -30.40 -3.07 -6.55
N PRO A 6 -30.65 -4.35 -6.34
CA PRO A 6 -30.03 -5.35 -7.22
C PRO A 6 -30.63 -5.34 -8.61
N GLY A 7 -29.77 -5.15 -9.60
CA GLY A 7 -30.21 -5.08 -10.97
C GLY A 7 -30.89 -3.75 -11.25
N PRO A 8 -31.54 -3.65 -12.41
CA PRO A 8 -31.54 -4.65 -13.47
C PRO A 8 -30.12 -4.93 -13.99
N HIS A 9 -29.84 -6.13 -14.50
CA HIS A 9 -28.56 -6.47 -15.17
C HIS A 9 -27.31 -6.74 -14.31
N ALA A 10 -27.51 -7.25 -13.11
CA ALA A 10 -26.42 -7.64 -12.23
C ALA A 10 -25.70 -8.87 -12.81
N MET A 11 -24.46 -9.06 -12.40
CA MET A 11 -23.60 -10.10 -12.95
C MET A 11 -23.14 -11.04 -11.85
N THR A 12 -23.13 -12.33 -12.14
CA THR A 12 -22.45 -13.30 -11.30
C THR A 12 -20.95 -13.15 -11.45
N ILE A 13 -20.20 -13.81 -10.57
CA ILE A 13 -18.73 -13.81 -10.69
C ILE A 13 -18.26 -14.38 -12.02
N GLN A 14 -18.88 -15.47 -12.48
CA GLN A 14 -18.57 -16.06 -13.79
C GLN A 14 -18.73 -15.02 -14.89
N GLU A 15 -19.84 -14.30 -14.85
CA GLU A 15 -20.15 -13.25 -15.84
C GLU A 15 -19.17 -12.07 -15.73
N LEU A 16 -18.79 -11.74 -14.51
CA LEU A 16 -17.84 -10.65 -14.27
C LEU A 16 -16.44 -10.99 -14.79
N VAL A 17 -16.01 -12.22 -14.59
CA VAL A 17 -14.74 -12.66 -15.18
C VAL A 17 -14.74 -12.47 -16.70
N ASP A 18 -15.77 -13.01 -17.33
CA ASP A 18 -15.92 -12.87 -18.77
C ASP A 18 -15.95 -11.40 -19.24
N TYR A 19 -16.65 -10.56 -18.48
CA TYR A 19 -16.83 -9.14 -18.76
C TYR A 19 -15.48 -8.41 -18.78
N VAL A 20 -14.69 -8.64 -17.74
CA VAL A 20 -13.42 -7.97 -17.59
C VAL A 20 -12.37 -8.52 -18.57
N ASN A 21 -12.40 -9.83 -18.81
CA ASN A 21 -11.55 -10.46 -19.83
C ASN A 21 -11.84 -9.88 -21.20
N ALA A 22 -13.12 -9.76 -21.55
CA ALA A 22 -13.53 -9.13 -22.81
C ALA A 22 -12.96 -7.74 -22.97
N ARG A 23 -13.02 -6.93 -21.93
CA ARG A 23 -12.69 -5.53 -22.08
C ARG A 23 -11.22 -5.22 -21.81
N GLN A 24 -10.62 -5.98 -20.91
CA GLN A 24 -9.26 -5.72 -20.44
C GLN A 24 -9.16 -4.40 -19.69
N LYS A 25 -7.96 -4.07 -19.22
CA LYS A 25 -7.73 -2.85 -18.46
C LYS A 25 -8.13 -1.61 -19.25
N GLN A 26 -7.74 -1.55 -20.51
CA GLN A 26 -8.04 -0.37 -21.30
C GLN A 26 -9.53 -0.22 -21.55
N GLY A 27 -10.23 -1.33 -21.78
CA GLY A 27 -11.68 -1.26 -22.00
C GLY A 27 -12.40 -0.78 -20.76
N ILE A 28 -11.91 -1.25 -19.62
CA ILE A 28 -12.51 -0.77 -18.34
C ILE A 28 -12.18 0.73 -18.09
N TYR A 29 -10.96 1.16 -18.44
CA TYR A 29 -10.63 2.59 -18.42
C TYR A 29 -11.54 3.42 -19.34
N GLU A 30 -11.85 2.89 -20.50
CA GLU A 30 -12.72 3.58 -21.43
C GLU A 30 -14.11 3.68 -20.85
N GLU A 31 -14.52 2.64 -20.15
CA GLU A 31 -15.83 2.67 -19.49
C GLU A 31 -15.92 3.79 -18.45
N TYR A 32 -14.87 3.96 -17.66
CA TYR A 32 -14.80 5.04 -16.69
C TYR A 32 -14.90 6.39 -17.38
N GLU A 33 -14.22 6.53 -18.50
CA GLU A 33 -14.27 7.80 -19.22
C GLU A 33 -15.68 8.09 -19.73
N ASP A 34 -16.42 7.05 -20.10
CA ASP A 34 -17.83 7.23 -20.51
C ASP A 34 -18.69 7.73 -19.34
N ILE A 35 -18.44 7.18 -18.17
CA ILE A 35 -19.13 7.63 -16.97
C ILE A 35 -18.80 9.11 -16.70
N ARG A 36 -17.51 9.38 -16.74
CA ARG A 36 -16.97 10.68 -16.43
C ARG A 36 -17.46 11.78 -17.39
N ARG A 37 -17.74 11.40 -18.62
CA ARG A 37 -18.27 12.34 -19.63
C ARG A 37 -19.73 12.74 -19.44
N GLU A 38 -20.50 11.97 -18.68
CA GLU A 38 -21.91 12.31 -18.42
C GLU A 38 -22.00 13.56 -17.56
N ASN A 39 -22.97 14.43 -17.86
CA ASN A 39 -23.24 15.61 -17.04
C ASN A 39 -23.79 15.18 -15.69
N PRO A 40 -23.40 15.86 -14.60
CA PRO A 40 -23.95 15.48 -13.31
C PRO A 40 -25.48 15.60 -13.25
N VAL A 41 -26.10 14.70 -12.49
CA VAL A 41 -27.52 14.80 -12.20
C VAL A 41 -27.60 15.70 -10.99
N GLY A 42 -27.94 16.99 -11.22
CA GLY A 42 -28.15 17.96 -10.15
C GLY A 42 -27.37 19.25 -10.29
N THR A 43 -27.38 20.06 -9.23
CA THR A 43 -26.78 21.40 -9.25
C THR A 43 -25.87 21.60 -8.05
N PHE A 44 -25.03 22.63 -8.11
CA PHE A 44 -24.00 22.88 -7.10
C PHE A 44 -24.05 24.32 -6.57
N HIS A 45 -25.23 24.92 -6.53
CA HIS A 45 -25.30 26.37 -6.23
C HIS A 45 -24.93 26.68 -4.79
N CYS A 46 -25.32 25.82 -3.86
CA CYS A 46 -25.02 26.11 -2.46
C CYS A 46 -23.53 26.10 -2.20
N SER A 47 -22.83 25.11 -2.72
CA SER A 47 -21.39 25.00 -2.56
C SER A 47 -20.65 26.22 -2.94
N MET A 48 -21.11 26.86 -4.01
CA MET A 48 -20.41 27.98 -4.60
C MET A 48 -20.87 29.35 -4.09
N SER A 49 -21.91 29.40 -3.26
CA SER A 49 -22.45 30.63 -2.70
C SER A 49 -21.58 31.34 -1.66
N PRO A 50 -21.87 32.65 -1.40
CA PRO A 50 -21.15 33.42 -0.39
C PRO A 50 -21.22 32.86 1.01
N GLY A 51 -20.07 32.77 1.65
CA GLY A 51 -19.98 32.15 2.96
C GLY A 51 -19.56 30.72 2.83
N ASN A 52 -19.90 30.08 1.70
CA ASN A 52 -19.63 28.65 1.54
C ASN A 52 -18.39 28.29 0.77
N LEU A 53 -17.97 29.15 -0.15
CA LEU A 53 -16.80 28.83 -0.97
C LEU A 53 -15.60 28.41 -0.11
N GLU A 54 -15.37 29.18 0.96
CA GLU A 54 -14.22 29.01 1.83
C GLU A 54 -14.30 27.75 2.66
N LYS A 55 -15.47 27.09 2.64
CA LYS A 55 -15.65 25.85 3.38
C LYS A 55 -15.40 24.60 2.52
N ASN A 56 -15.04 24.81 1.27
CA ASN A 56 -14.64 23.72 0.39
C ASN A 56 -13.13 23.62 0.37
N ARG A 57 -12.63 22.38 0.47
CA ARG A 57 -11.18 22.17 0.37
C ARG A 57 -10.68 22.42 -1.03
N TYR A 58 -11.49 22.06 -2.04
CA TYR A 58 -11.15 22.24 -3.45
C TYR A 58 -12.29 22.96 -4.16
N GLY A 59 -11.97 24.00 -4.89
CA GLY A 59 -12.98 24.73 -5.66
C GLY A 59 -13.62 23.90 -6.78
N ASP A 60 -12.89 22.90 -7.28
CA ASP A 60 -13.39 22.04 -8.34
C ASP A 60 -14.13 20.84 -7.82
N VAL A 61 -14.35 20.75 -6.51
CA VAL A 61 -15.14 19.64 -5.95
C VAL A 61 -16.23 20.16 -4.99
N PRO A 62 -17.28 20.78 -5.57
CA PRO A 62 -18.44 21.12 -4.79
C PRO A 62 -19.24 19.87 -4.52
N CYS A 63 -20.33 20.04 -3.76
CA CYS A 63 -21.25 18.96 -3.50
C CYS A 63 -22.63 19.31 -4.05
N LEU A 64 -23.37 18.27 -4.36
CA LEU A 64 -24.72 18.46 -4.90
C LEU A 64 -25.66 19.12 -3.91
N ASP A 65 -26.50 20.03 -4.42
CA ASP A 65 -27.56 20.67 -3.63
C ASP A 65 -28.54 19.63 -3.10
N GLN A 66 -28.85 18.65 -3.92
CA GLN A 66 -29.96 17.72 -3.67
C GLN A 66 -29.71 16.75 -2.51
N THR A 67 -28.44 16.47 -2.23
CA THR A 67 -28.10 15.45 -1.25
C THR A 67 -27.18 15.95 -0.15
N ARG A 68 -26.92 17.24 -0.07
CA ARG A 68 -26.00 17.75 0.92
C ARG A 68 -26.53 17.58 2.34
N VAL A 69 -25.60 17.41 3.26
CA VAL A 69 -25.90 17.36 4.69
C VAL A 69 -26.02 18.79 5.21
N LYS A 70 -27.20 19.14 5.70
CA LYS A 70 -27.43 20.49 6.23
C LYS A 70 -27.19 20.54 7.75
N LEU A 71 -26.50 21.57 8.20
CA LEU A 71 -26.31 21.79 9.61
C LEU A 71 -27.45 22.64 10.13
N THR A 72 -27.97 22.26 11.29
CA THR A 72 -29.02 23.05 11.94
C THR A 72 -28.30 23.90 12.99
N LYS A 73 -28.25 25.22 12.79
CA LYS A 73 -27.63 26.12 13.76
C LYS A 73 -28.58 27.25 14.14
N GLN A 79 -23.16 33.10 9.69
CA GLN A 79 -22.90 31.66 9.54
C GLN A 79 -23.79 31.07 8.45
N THR A 80 -23.49 29.85 8.01
CA THR A 80 -24.38 29.10 7.09
C THR A 80 -24.63 27.66 7.56
N ASP A 81 -25.58 26.99 6.91
CA ASP A 81 -25.86 25.59 7.20
C ASP A 81 -24.99 24.60 6.43
N TYR A 82 -23.89 25.07 5.83
CA TYR A 82 -23.22 24.30 4.81
C TYR A 82 -22.02 23.53 5.33
N ILE A 83 -21.92 22.27 4.92
CA ILE A 83 -20.68 21.50 4.99
C ILE A 83 -20.58 20.73 3.65
N ASN A 84 -19.36 20.56 3.14
CA ASN A 84 -19.15 19.80 1.94
C ASN A 84 -19.18 18.32 2.29
N ALA A 85 -20.41 17.79 2.29
CA ALA A 85 -20.71 16.44 2.74
C ALA A 85 -22.04 16.04 2.10
N SER A 86 -22.12 14.80 1.63
CA SER A 86 -23.30 14.30 0.97
C SER A 86 -23.81 13.00 1.58
N PHE A 87 -25.13 12.90 1.73
CA PHE A 87 -25.78 11.64 2.06
C PHE A 87 -25.63 10.70 0.89
N MET A 88 -25.31 9.45 1.19
CA MET A 88 -25.13 8.43 0.16
C MET A 88 -25.83 7.15 0.59
N ASP A 89 -26.64 6.61 -0.31
CA ASP A 89 -27.27 5.34 -0.06
C ASP A 89 -26.24 4.21 -0.08
N GLY A 90 -26.57 3.12 0.58
CA GLY A 90 -25.85 1.87 0.46
C GLY A 90 -26.77 0.79 -0.12
N TYR A 91 -26.32 -0.45 -0.11
CA TYR A 91 -27.07 -1.55 -0.70
C TYR A 91 -28.39 -1.72 0.02
N LYS A 92 -29.49 -1.42 -0.67
CA LYS A 92 -30.82 -1.50 -0.08
C LYS A 92 -30.92 -0.77 1.26
N GLN A 93 -30.24 0.36 1.35
CA GLN A 93 -30.20 1.08 2.61
C GLN A 93 -30.09 2.58 2.33
N LYS A 94 -31.09 3.35 2.74
CA LYS A 94 -31.03 4.81 2.60
C LYS A 94 -30.02 5.44 3.55
N ASN A 95 -29.23 6.40 3.02
CA ASN A 95 -28.27 7.14 3.85
C ASN A 95 -27.37 6.24 4.69
N ALA A 96 -26.75 5.26 4.04
CA ALA A 96 -25.79 4.37 4.72
C ALA A 96 -24.50 5.13 5.03
N TYR A 97 -24.15 6.14 4.21
CA TYR A 97 -22.89 6.89 4.38
C TYR A 97 -23.12 8.39 4.26
N ILE A 98 -22.21 9.13 4.88
CA ILE A 98 -21.99 10.54 4.52
C ILE A 98 -20.59 10.58 3.96
N GLY A 99 -20.48 10.97 2.70
CA GLY A 99 -19.19 11.16 2.07
C GLY A 99 -18.75 12.61 2.16
N THR A 100 -17.55 12.86 2.68
CA THR A 100 -17.13 14.22 2.96
C THR A 100 -15.62 14.41 2.68
N GLN A 101 -15.24 15.65 2.47
CA GLN A 101 -13.81 16.03 2.33
C GLN A 101 -13.08 15.97 3.66
N GLY A 102 -11.74 15.99 3.61
CA GLY A 102 -10.94 16.08 4.83
C GLY A 102 -11.21 17.42 5.52
N PRO A 103 -11.69 17.41 6.80
CA PRO A 103 -12.00 18.69 7.45
C PRO A 103 -10.84 19.69 7.43
N LEU A 104 -11.21 20.96 7.31
CA LEU A 104 -10.29 22.07 7.28
C LEU A 104 -10.34 22.75 8.64
N GLU A 105 -9.32 23.54 8.99
CA GLU A 105 -9.34 24.23 10.29
C GLU A 105 -10.62 25.00 10.52
N ASN A 106 -11.13 25.66 9.49
CA ASN A 106 -12.33 26.45 9.60
C ASN A 106 -13.63 25.63 9.53
N THR A 107 -13.53 24.32 9.31
CA THR A 107 -14.70 23.45 9.29
C THR A 107 -14.70 22.33 10.34
N TYR A 108 -13.69 22.30 11.22
CA TYR A 108 -13.68 21.26 12.27
C TYR A 108 -14.96 21.27 13.10
N ARG A 109 -15.40 22.47 13.49
CA ARG A 109 -16.62 22.59 14.30
C ARG A 109 -17.83 22.13 13.49
N ASP A 110 -17.85 22.44 12.20
CA ASP A 110 -18.96 21.99 11.34
C ASP A 110 -19.03 20.47 11.21
N PHE A 111 -17.87 19.87 11.02
CA PHE A 111 -17.73 18.41 10.95
C PHE A 111 -18.28 17.77 12.25
N TRP A 112 -17.83 18.24 13.40
CA TRP A 112 -18.33 17.65 14.65
C TRP A 112 -19.80 17.90 14.90
N LEU A 113 -20.28 19.10 14.55
CA LEU A 113 -21.73 19.36 14.63
C LEU A 113 -22.49 18.35 13.73
N MET A 114 -22.00 18.08 12.52
CA MET A 114 -22.60 17.08 11.67
C MET A 114 -22.63 15.70 12.31
N VAL A 115 -21.49 15.28 12.86
CA VAL A 115 -21.42 14.02 13.53
C VAL A 115 -22.44 13.96 14.70
N TRP A 116 -22.63 15.05 15.47
CA TRP A 116 -23.56 15.05 16.57
C TRP A 116 -24.99 14.97 16.00
N GLU A 117 -25.30 15.86 15.07
CA GLU A 117 -26.67 16.01 14.56
C GLU A 117 -27.20 14.76 13.85
N GLN A 118 -26.30 14.09 13.14
CA GLN A 118 -26.62 12.91 12.37
C GLN A 118 -26.45 11.62 13.17
N LYS A 119 -26.13 11.73 14.47
CA LYS A 119 -25.99 10.57 15.35
C LYS A 119 -25.00 9.53 14.87
N VAL A 120 -23.94 10.03 14.23
CA VAL A 120 -22.87 9.19 13.67
C VAL A 120 -22.11 8.48 14.78
N LEU A 121 -21.88 7.19 14.55
CA LEU A 121 -21.19 6.30 15.50
C LEU A 121 -19.81 5.88 15.00
N VAL A 122 -19.59 5.91 13.70
CA VAL A 122 -18.33 5.46 13.07
C VAL A 122 -17.86 6.47 12.02
N ILE A 123 -16.59 6.82 12.08
CA ILE A 123 -15.93 7.66 11.10
C ILE A 123 -14.80 6.84 10.45
N VAL A 124 -14.78 6.88 9.13
CA VAL A 124 -13.77 6.17 8.33
C VAL A 124 -12.87 7.15 7.58
N MET A 125 -11.60 7.19 7.95
CA MET A 125 -10.62 8.05 7.27
C MET A 125 -9.69 7.23 6.42
N THR A 126 -9.46 7.64 5.18
CA THR A 126 -8.74 6.80 4.21
C THR A 126 -7.46 7.48 3.71
N THR A 127 -7.02 8.50 4.44
CA THR A 127 -5.79 9.23 4.11
C THR A 127 -5.03 9.54 5.38
N ARG A 128 -3.79 10.00 5.20
CA ARG A 128 -3.04 10.65 6.27
C ARG A 128 -3.36 12.15 6.21
N PHE A 129 -2.72 12.96 7.06
CA PHE A 129 -2.98 14.42 6.99
C PHE A 129 -2.38 15.01 5.71
N GLU A 130 -1.19 14.54 5.35
CA GLU A 130 -0.49 15.01 4.17
C GLU A 130 0.12 13.78 3.52
N GLU A 131 0.09 13.73 2.18
CA GLU A 131 0.74 12.64 1.45
C GLU A 131 1.49 13.23 0.27
N GLY A 132 2.77 12.91 0.13
CA GLY A 132 3.56 13.56 -0.95
C GLY A 132 3.58 15.09 -0.91
N GLY A 133 3.44 15.67 0.28
CA GLY A 133 3.35 17.12 0.41
C GLY A 133 2.01 17.74 0.04
N ARG A 134 1.03 16.89 -0.25
CA ARG A 134 -0.32 17.34 -0.55
C ARG A 134 -1.16 17.20 0.71
N ARG A 135 -1.75 18.32 1.15
CA ARG A 135 -2.60 18.29 2.33
C ARG A 135 -3.91 17.61 2.00
N LYS A 136 -4.32 16.68 2.85
CA LYS A 136 -5.54 15.90 2.59
C LYS A 136 -6.56 15.98 3.72
N CYS A 137 -6.12 16.40 4.91
CA CYS A 137 -6.99 16.39 6.11
C CYS A 137 -6.32 17.16 7.20
N GLY A 138 -7.13 17.93 7.94
CA GLY A 138 -6.63 18.63 9.13
C GLY A 138 -6.69 17.70 10.35
N GLN A 139 -6.00 18.09 11.39
CA GLN A 139 -5.98 17.33 12.65
C GLN A 139 -7.21 17.71 13.48
N TYR A 140 -8.35 17.11 13.12
CA TYR A 140 -9.65 17.47 13.68
C TYR A 140 -10.05 16.69 14.92
N TRP A 141 -9.21 15.73 15.33
CA TRP A 141 -9.50 14.93 16.55
C TRP A 141 -8.27 14.86 17.47
N PRO A 142 -8.48 14.66 18.78
CA PRO A 142 -7.34 14.48 19.71
C PRO A 142 -6.61 13.17 19.50
N LEU A 143 -5.33 13.26 19.13
CA LEU A 143 -4.55 12.10 18.72
C LEU A 143 -4.19 11.09 19.82
N GLU A 144 -3.84 11.57 21.00
CA GLU A 144 -3.39 10.69 22.07
C GLU A 144 -4.41 10.53 23.15
N LYS A 145 -4.37 9.35 23.78
CA LYS A 145 -5.26 9.06 24.88
C LYS A 145 -5.26 10.17 25.92
N ASP A 146 -6.46 10.52 26.34
CA ASP A 146 -6.80 11.53 27.36
C ASP A 146 -6.68 12.98 26.86
N SER A 147 -6.18 13.19 25.64
CA SER A 147 -6.21 14.52 25.06
C SER A 147 -7.62 14.83 24.63
N ARG A 148 -7.91 16.11 24.54
CA ARG A 148 -9.19 16.57 24.09
C ARG A 148 -9.07 17.88 23.32
N ILE A 149 -10.10 18.14 22.54
CA ILE A 149 -10.21 19.39 21.82
C ILE A 149 -11.64 19.86 22.07
N ARG A 150 -11.78 21.17 22.34
CA ARG A 150 -13.09 21.75 22.53
C ARG A 150 -13.42 22.55 21.28
N PHE A 151 -14.61 22.30 20.72
CA PHE A 151 -15.11 23.07 19.59
C PHE A 151 -16.40 23.74 20.10
N GLY A 152 -16.27 24.85 20.81
CA GLY A 152 -17.45 25.47 21.42
C GLY A 152 -18.16 24.51 22.35
N PHE A 153 -19.40 24.16 22.03
CA PHE A 153 -20.19 23.33 22.94
C PHE A 153 -20.01 21.85 22.72
N LEU A 154 -19.10 21.46 21.83
CA LEU A 154 -18.79 20.04 21.61
C LEU A 154 -17.36 19.83 22.05
N THR A 155 -17.14 18.96 23.03
CA THR A 155 -15.78 18.61 23.46
C THR A 155 -15.56 17.16 23.04
N VAL A 156 -14.43 16.90 22.40
CA VAL A 156 -14.10 15.55 21.92
C VAL A 156 -12.88 15.07 22.69
N THR A 157 -13.02 13.91 23.36
CA THR A 157 -11.93 13.38 24.16
C THR A 157 -11.51 12.01 23.64
N ASN A 158 -10.20 11.77 23.59
CA ASN A 158 -9.65 10.49 23.14
C ASN A 158 -9.64 9.50 24.32
N LEU A 159 -10.37 8.39 24.18
CA LEU A 159 -10.46 7.38 25.22
C LEU A 159 -9.52 6.20 25.03
N GLY A 160 -8.79 6.17 23.93
CA GLY A 160 -7.87 5.07 23.67
C GLY A 160 -7.56 4.92 22.17
N VAL A 161 -6.33 4.48 21.86
CA VAL A 161 -5.89 4.24 20.49
C VAL A 161 -5.25 2.88 20.43
N GLU A 162 -5.52 2.17 19.34
CA GLU A 162 -4.81 0.92 19.02
C GLU A 162 -4.38 0.96 17.56
N ASN A 163 -3.10 0.68 17.33
CA ASN A 163 -2.58 0.52 16.02
C ASN A 163 -2.62 -0.96 15.61
N MET A 164 -3.30 -1.21 14.50
CA MET A 164 -3.23 -2.46 13.75
C MET A 164 -2.24 -2.40 12.55
N ASN A 165 -2.05 -3.53 11.89
CA ASN A 165 -1.10 -3.55 10.78
C ASN A 165 -1.56 -2.68 9.60
N HIS A 166 -2.88 -2.57 9.40
CA HIS A 166 -3.44 -1.88 8.24
C HIS A 166 -4.40 -0.73 8.59
N TYR A 167 -4.59 -0.46 9.87
CA TYR A 167 -5.45 0.64 10.26
C TYR A 167 -5.20 0.94 11.69
N LYS A 168 -5.75 2.06 12.15
CA LYS A 168 -5.69 2.37 13.58
C LYS A 168 -7.07 2.74 14.05
N LYS A 169 -7.36 2.35 15.27
CA LYS A 169 -8.69 2.52 15.85
C LYS A 169 -8.59 3.45 17.04
N THR A 170 -9.41 4.51 17.05
CA THR A 170 -9.41 5.49 18.17
C THR A 170 -10.82 5.61 18.68
N THR A 171 -11.02 5.46 19.98
CA THR A 171 -12.34 5.64 20.56
C THR A 171 -12.43 7.07 21.07
N LEU A 172 -13.48 7.78 20.63
CA LEU A 172 -13.67 9.18 20.98
C LEU A 172 -14.94 9.33 21.75
N GLU A 173 -14.95 10.26 22.71
CA GLU A 173 -16.18 10.65 23.38
C GLU A 173 -16.53 12.07 22.92
N ILE A 174 -17.73 12.26 22.39
CA ILE A 174 -18.20 13.62 22.12
C ILE A 174 -19.14 14.01 23.25
N HIS A 175 -18.82 15.12 23.90
CA HIS A 175 -19.64 15.65 25.00
C HIS A 175 -20.28 16.92 24.50
N ASN A 176 -21.59 16.91 24.34
CA ASN A 176 -22.31 18.10 23.96
C ASN A 176 -22.70 18.81 25.24
N THR A 177 -22.04 19.94 25.50
CA THR A 177 -22.24 20.59 26.80
C THR A 177 -23.47 21.48 26.87
N GLU A 178 -24.14 21.67 25.75
CA GLU A 178 -25.40 22.42 25.69
C GLU A 178 -26.57 21.46 25.98
N GLU A 179 -26.59 20.32 25.28
CA GLU A 179 -27.62 19.29 25.49
C GLU A 179 -27.33 18.43 26.72
N ARG A 180 -26.11 18.52 27.24
CA ARG A 180 -25.66 17.77 28.39
C ARG A 180 -25.80 16.28 28.15
N GLN A 181 -25.18 15.82 27.07
CA GLN A 181 -25.17 14.41 26.71
C GLN A 181 -23.80 14.03 26.17
N LYS A 182 -23.43 12.76 26.34
CA LYS A 182 -22.17 12.20 25.83
C LYS A 182 -22.47 10.99 24.92
N ARG A 183 -21.63 10.79 23.91
CA ARG A 183 -21.68 9.68 23.00
C ARG A 183 -20.28 9.23 22.65
N GLN A 184 -20.11 7.94 22.41
CA GLN A 184 -18.85 7.43 21.90
C GLN A 184 -18.95 7.26 20.38
N VAL A 185 -17.88 7.62 19.69
CA VAL A 185 -17.74 7.48 18.25
C VAL A 185 -16.43 6.75 18.03
N THR A 186 -16.42 5.81 17.09
CA THR A 186 -15.18 5.12 16.76
C THR A 186 -14.61 5.71 15.47
N HIS A 187 -13.32 6.04 15.50
CA HIS A 187 -12.60 6.64 14.37
C HIS A 187 -11.63 5.60 13.87
N PHE A 188 -11.77 5.21 12.62
CA PHE A 188 -10.91 4.19 11.97
C PHE A 188 -10.14 4.91 10.90
N GLN A 189 -8.81 4.84 10.94
CA GLN A 189 -7.98 5.36 9.86
C GLN A 189 -7.31 4.20 9.16
N PHE A 190 -7.62 4.04 7.88
CA PHE A 190 -6.96 3.05 7.04
C PHE A 190 -5.57 3.55 6.69
N LEU A 191 -4.59 2.69 6.87
CA LEU A 191 -3.19 3.10 6.75
C LEU A 191 -2.49 2.54 5.50
N SER A 192 -3.11 1.58 4.83
CA SER A 192 -2.42 0.87 3.72
C SER A 192 -2.87 1.27 2.31
N TRP A 193 -3.43 2.46 2.17
CA TRP A 193 -3.62 3.02 0.83
C TRP A 193 -2.32 3.69 0.38
N PRO A 194 -1.78 3.25 -0.76
CA PRO A 194 -0.45 3.78 -1.13
C PRO A 194 -0.46 5.24 -1.53
N ASP A 195 0.68 5.90 -1.40
CA ASP A 195 0.78 7.29 -1.88
C ASP A 195 0.47 7.46 -3.37
N TYR A 196 0.87 6.48 -4.18
CA TYR A 196 0.65 6.47 -5.62
C TYR A 196 -0.20 5.27 -5.99
N GLY A 197 -1.18 5.50 -6.86
CA GLY A 197 -1.99 4.42 -7.39
C GLY A 197 -3.01 3.91 -6.40
N VAL A 198 -3.36 2.64 -6.61
CA VAL A 198 -4.35 1.94 -5.80
C VAL A 198 -3.67 0.77 -5.07
N PRO A 199 -4.31 0.23 -4.02
CA PRO A 199 -3.72 -0.92 -3.35
C PRO A 199 -3.41 -2.08 -4.31
N SER A 200 -2.22 -2.66 -4.17
CA SER A 200 -1.81 -3.76 -5.03
C SER A 200 -2.63 -5.02 -4.77
N SER A 201 -3.16 -5.10 -3.57
CA SER A 201 -4.12 -6.17 -3.22
C SER A 201 -5.24 -5.55 -2.44
N ALA A 202 -6.49 -5.99 -2.65
CA ALA A 202 -7.61 -5.45 -1.90
C ALA A 202 -7.85 -6.09 -0.51
N ALA A 203 -7.07 -7.11 -0.17
CA ALA A 203 -7.32 -7.89 1.02
C ALA A 203 -7.35 -7.05 2.27
N SER A 204 -6.41 -6.13 2.46
CA SER A 204 -6.42 -5.36 3.70
C SER A 204 -7.60 -4.37 3.71
N LEU A 205 -7.90 -3.78 2.55
CA LEU A 205 -9.05 -2.87 2.49
C LEU A 205 -10.35 -3.59 2.80
N ILE A 206 -10.53 -4.79 2.23
CA ILE A 206 -11.75 -5.57 2.49
C ILE A 206 -11.82 -6.04 3.97
N ASP A 207 -10.67 -6.43 4.56
CA ASP A 207 -10.65 -6.76 5.97
C ASP A 207 -11.05 -5.56 6.81
N PHE A 208 -10.56 -4.40 6.42
CA PHE A 208 -10.87 -3.16 7.12
C PHE A 208 -12.37 -2.84 7.05
N LEU A 209 -12.94 -3.03 5.85
CA LEU A 209 -14.36 -2.88 5.64
C LEU A 209 -15.11 -3.77 6.60
N ARG A 210 -14.65 -5.00 6.77
CA ARG A 210 -15.34 -5.91 7.69
C ARG A 210 -15.25 -5.41 9.14
N VAL A 211 -14.09 -4.88 9.52
CA VAL A 211 -13.94 -4.27 10.85
C VAL A 211 -14.92 -3.13 11.04
N VAL A 212 -14.99 -2.25 10.06
CA VAL A 212 -15.92 -1.12 10.11
C VAL A 212 -17.38 -1.55 10.18
N ARG A 213 -17.76 -2.47 9.32
CA ARG A 213 -19.13 -3.00 9.33
C ARG A 213 -19.49 -3.57 10.70
N ASN A 214 -18.60 -4.38 11.25
CA ASN A 214 -18.87 -4.96 12.56
C ASN A 214 -18.99 -3.90 13.66
N GLN A 215 -18.14 -2.89 13.66
CA GLN A 215 -18.23 -1.87 14.70
C GLN A 215 -19.51 -1.07 14.55
N GLN A 216 -19.88 -0.75 13.31
CA GLN A 216 -21.17 -0.04 13.05
C GLN A 216 -22.33 -0.87 13.62
N SER A 217 -22.34 -2.16 13.32
CA SER A 217 -23.42 -3.02 13.78
C SER A 217 -23.47 -2.99 15.31
N LEU A 218 -22.31 -3.14 15.93
CA LEU A 218 -22.21 -3.24 17.39
C LEU A 218 -22.68 -1.94 18.00
N ALA A 219 -22.15 -0.83 17.48
CA ALA A 219 -22.52 0.48 18.00
C ALA A 219 -24.01 0.79 17.81
N VAL A 220 -24.57 0.46 16.65
CA VAL A 220 -26.01 0.68 16.42
C VAL A 220 -26.83 -0.14 17.38
N SER A 221 -26.41 -1.38 17.59
CA SER A 221 -27.14 -2.26 18.52
C SER A 221 -27.13 -1.71 19.96
N ASN A 222 -26.04 -1.06 20.35
CA ASN A 222 -25.94 -0.49 21.67
C ASN A 222 -26.53 0.91 21.80
N MET A 223 -26.82 1.58 20.70
CA MET A 223 -27.25 3.02 20.80
C MET A 223 -28.68 3.29 21.26
N GLY A 224 -29.58 2.34 21.08
CA GLY A 224 -30.94 2.53 21.61
C GLY A 224 -31.84 3.42 20.75
N ALA A 225 -33.15 3.22 20.89
CA ALA A 225 -34.16 3.64 19.90
C ALA A 225 -33.89 5.01 19.27
N GLU A 233 -30.45 3.17 10.22
CA GLU A 233 -29.23 3.31 10.97
C GLU A 233 -28.61 4.68 10.69
N PRO A 234 -27.86 5.23 11.66
CA PRO A 234 -27.12 6.44 11.31
C PRO A 234 -26.08 6.17 10.25
N PRO A 235 -25.73 7.19 9.47
CA PRO A 235 -24.69 6.94 8.46
C PRO A 235 -23.33 6.77 9.05
N ILE A 236 -22.47 6.07 8.32
CA ILE A 236 -21.04 6.06 8.56
C ILE A 236 -20.43 7.22 7.78
N VAL A 237 -19.63 8.04 8.44
CA VAL A 237 -18.92 9.14 7.79
C VAL A 237 -17.68 8.58 7.17
N VAL A 238 -17.47 8.83 5.88
CA VAL A 238 -16.27 8.35 5.18
C VAL A 238 -15.63 9.53 4.53
N HIS A 239 -14.34 9.72 4.79
CA HIS A 239 -13.65 10.77 4.09
C HIS A 239 -12.29 10.41 3.51
N CYS A 240 -11.91 11.22 2.52
CA CYS A 240 -10.59 11.24 1.93
C CYS A 240 -10.36 12.73 1.60
N SER A 241 -9.37 13.10 0.80
CA SER A 241 -9.08 14.49 0.60
C SER A 241 -10.33 15.27 0.18
N ALA A 242 -10.93 14.87 -0.95
CA ALA A 242 -12.06 15.62 -1.46
C ALA A 242 -13.38 14.88 -1.23
N GLY A 243 -13.34 13.66 -0.70
CA GLY A 243 -14.52 12.85 -0.46
C GLY A 243 -15.14 12.21 -1.67
N ILE A 244 -14.32 12.03 -2.68
CA ILE A 244 -14.78 11.44 -3.95
C ILE A 244 -14.03 10.18 -4.41
N GLY A 245 -12.73 10.13 -4.20
CA GLY A 245 -11.89 9.09 -4.81
C GLY A 245 -11.85 7.85 -3.93
N ARG A 246 -11.03 7.85 -2.88
CA ARG A 246 -10.96 6.74 -1.98
C ARG A 246 -12.31 6.53 -1.31
N THR A 247 -13.00 7.62 -0.98
CA THR A 247 -14.33 7.52 -0.38
C THR A 247 -15.31 6.74 -1.27
N GLY A 248 -15.33 7.12 -2.53
CA GLY A 248 -16.18 6.46 -3.52
C GLY A 248 -15.80 5.00 -3.73
N THR A 249 -14.51 4.73 -3.68
CA THR A 249 -14.02 3.34 -3.85
C THR A 249 -14.43 2.44 -2.68
N PHE A 250 -14.21 2.95 -1.49
CA PHE A 250 -14.63 2.26 -0.27
C PHE A 250 -16.11 1.94 -0.31
N CYS A 251 -16.92 2.96 -0.62
CA CYS A 251 -18.38 2.77 -0.56
C CYS A 251 -18.86 1.85 -1.67
N SER A 252 -18.27 2.03 -2.84
CA SER A 252 -18.65 1.20 -3.99
C SER A 252 -18.34 -0.29 -3.71
N LEU A 253 -17.16 -0.59 -3.15
CA LEU A 253 -16.79 -1.96 -2.84
C LEU A 253 -17.74 -2.51 -1.77
N ASP A 254 -18.08 -1.70 -0.78
CA ASP A 254 -19.03 -2.13 0.25
C ASP A 254 -20.35 -2.55 -0.37
N ILE A 255 -20.88 -1.69 -1.25
CA ILE A 255 -22.17 -1.99 -1.90
C ILE A 255 -22.12 -3.26 -2.74
N CYS A 256 -21.09 -3.38 -3.56
CA CYS A 256 -20.97 -4.54 -4.46
C CYS A 256 -20.78 -5.82 -3.63
N LEU A 257 -19.93 -5.77 -2.59
CA LEU A 257 -19.74 -6.98 -1.76
C LEU A 257 -21.01 -7.35 -1.01
N ALA A 258 -21.81 -6.35 -0.60
CA ALA A 258 -23.07 -6.65 0.05
C ALA A 258 -24.01 -7.40 -0.88
N GLN A 259 -24.10 -6.93 -2.11
CA GLN A 259 -25.01 -7.58 -3.06
C GLN A 259 -24.48 -8.98 -3.39
N LEU A 260 -23.17 -9.09 -3.49
CA LEU A 260 -22.54 -10.35 -3.84
C LEU A 260 -22.81 -11.34 -2.73
N GLU A 261 -22.83 -10.85 -1.49
CA GLU A 261 -23.18 -11.71 -0.34
C GLU A 261 -24.62 -12.20 -0.36
N GLU A 262 -25.55 -11.28 -0.59
CA GLU A 262 -26.98 -11.55 -0.49
C GLU A 262 -27.49 -12.38 -1.69
N LEU A 263 -27.04 -12.07 -2.89
CA LEU A 263 -27.61 -12.65 -4.09
C LEU A 263 -26.62 -13.30 -5.04
N GLY A 264 -25.33 -13.20 -4.73
CA GLY A 264 -24.29 -13.71 -5.61
C GLY A 264 -24.12 -12.94 -6.90
N THR A 265 -24.54 -11.67 -6.91
CA THR A 265 -24.41 -10.81 -8.08
C THR A 265 -23.95 -9.41 -7.68
N LEU A 266 -23.48 -8.66 -8.68
CA LEU A 266 -23.10 -7.26 -8.47
C LEU A 266 -23.04 -6.56 -9.81
N ASN A 267 -22.86 -5.26 -9.79
CA ASN A 267 -22.71 -4.48 -11.01
C ASN A 267 -21.97 -3.17 -10.70
N VAL A 268 -20.68 -3.13 -11.06
CA VAL A 268 -19.82 -2.00 -10.74
C VAL A 268 -20.28 -0.75 -11.45
N PHE A 269 -20.57 -0.86 -12.75
CA PHE A 269 -21.02 0.28 -13.53
C PHE A 269 -22.25 0.95 -12.91
N GLN A 270 -23.26 0.14 -12.58
CA GLN A 270 -24.47 0.65 -11.96
C GLN A 270 -24.14 1.30 -10.59
N THR A 271 -23.34 0.62 -9.79
CA THR A 271 -23.04 1.13 -8.46
C THR A 271 -22.39 2.50 -8.51
N VAL A 272 -21.39 2.64 -9.37
CA VAL A 272 -20.64 3.90 -9.47
C VAL A 272 -21.52 4.98 -10.09
N SER A 273 -22.26 4.64 -11.15
CA SER A 273 -23.15 5.61 -11.79
C SER A 273 -24.19 6.15 -10.80
N ARG A 274 -24.76 5.24 -10.03
CA ARG A 274 -25.76 5.61 -9.04
C ARG A 274 -25.13 6.46 -7.96
N MET A 275 -23.95 6.05 -7.51
CA MET A 275 -23.28 6.79 -6.39
C MET A 275 -23.03 8.22 -6.80
N ARG A 276 -22.64 8.42 -8.07
CA ARG A 276 -22.33 9.77 -8.56
C ARG A 276 -23.51 10.72 -8.64
N THR A 277 -24.73 10.21 -8.50
CA THR A 277 -25.93 11.05 -8.40
C THR A 277 -26.14 11.56 -6.97
N GLN A 278 -25.33 11.05 -6.03
CA GLN A 278 -25.41 11.41 -4.62
C GLN A 278 -24.17 12.09 -4.07
N ARG A 279 -23.02 11.46 -4.25
CA ARG A 279 -21.74 12.14 -4.05
C ARG A 279 -21.15 12.36 -5.43
N ALA A 280 -21.37 13.55 -5.98
CA ALA A 280 -20.89 13.87 -7.33
C ALA A 280 -19.40 13.62 -7.42
N PHE A 281 -18.99 13.12 -8.57
CA PHE A 281 -17.59 12.87 -8.94
C PHE A 281 -16.96 11.66 -8.25
N SER A 282 -17.77 10.87 -7.54
CA SER A 282 -17.27 9.65 -6.86
C SER A 282 -16.52 8.79 -7.88
N ILE A 283 -15.35 8.26 -7.47
CA ILE A 283 -14.42 7.56 -8.34
C ILE A 283 -13.75 8.62 -9.24
N GLN A 284 -12.52 8.93 -8.86
CA GLN A 284 -11.77 10.08 -9.36
C GLN A 284 -10.86 9.75 -10.55
N THR A 285 -10.42 8.50 -10.66
CA THR A 285 -9.46 8.10 -11.70
C THR A 285 -9.88 6.77 -12.34
N PRO A 286 -9.43 6.52 -13.56
CA PRO A 286 -9.68 5.22 -14.15
C PRO A 286 -9.03 4.08 -13.39
N GLU A 287 -7.88 4.33 -12.75
CA GLU A 287 -7.27 3.27 -11.93
C GLU A 287 -8.15 2.89 -10.74
N GLN A 288 -8.86 3.87 -10.18
CA GLN A 288 -9.77 3.57 -9.07
C GLN A 288 -10.95 2.75 -9.57
N TYR A 289 -11.44 3.09 -10.76
CA TYR A 289 -12.58 2.37 -11.35
C TYR A 289 -12.17 0.92 -11.65
N TYR A 290 -11.02 0.73 -12.30
CA TYR A 290 -10.52 -0.62 -12.55
C TYR A 290 -10.28 -1.40 -11.25
N PHE A 291 -9.72 -0.74 -10.25
CA PHE A 291 -9.55 -1.34 -8.92
C PHE A 291 -10.85 -1.90 -8.39
N CYS A 292 -11.99 -1.21 -8.59
CA CYS A 292 -13.28 -1.74 -8.10
C CYS A 292 -13.59 -3.11 -8.73
N TYR A 293 -13.42 -3.24 -10.05
CA TYR A 293 -13.53 -4.52 -10.72
C TYR A 293 -12.52 -5.54 -10.22
N LYS A 294 -11.25 -5.16 -10.22
CA LYS A 294 -10.18 -6.10 -9.85
C LYS A 294 -10.28 -6.58 -8.41
N ALA A 295 -10.62 -5.68 -7.50
CA ALA A 295 -10.82 -6.05 -6.10
C ALA A 295 -11.88 -7.13 -5.91
N ILE A 296 -12.98 -6.98 -6.62
CA ILE A 296 -14.04 -7.95 -6.52
C ILE A 296 -13.59 -9.31 -7.09
N LEU A 297 -12.85 -9.33 -8.22
CA LEU A 297 -12.35 -10.58 -8.75
C LEU A 297 -11.29 -11.19 -7.84
N GLU A 298 -10.48 -10.34 -7.17
CA GLU A 298 -9.47 -10.84 -6.21
C GLU A 298 -10.16 -11.48 -5.01
N PHE A 299 -11.17 -10.77 -4.51
CA PHE A 299 -12.05 -11.33 -3.47
C PHE A 299 -12.64 -12.70 -3.85
N ALA A 300 -13.20 -12.76 -5.05
CA ALA A 300 -13.80 -14.01 -5.53
C ALA A 300 -12.80 -15.15 -5.49
N GLU A 301 -11.59 -14.87 -6.02
CA GLU A 301 -10.52 -15.86 -5.97
C GLU A 301 -10.16 -16.26 -4.53
N LYS A 302 -10.00 -15.28 -3.65
CA LYS A 302 -9.66 -15.53 -2.23
C LYS A 302 -10.74 -16.40 -1.57
N GLU A 303 -11.99 -16.19 -1.95
CA GLU A 303 -13.14 -16.99 -1.49
C GLU A 303 -13.35 -18.33 -2.25
N GLY A 304 -12.42 -18.69 -3.15
CA GLY A 304 -12.46 -19.96 -3.81
C GLY A 304 -13.58 -20.10 -4.83
N MET A 305 -14.02 -18.97 -5.39
CA MET A 305 -15.13 -18.91 -6.38
C MET A 305 -14.66 -18.91 -7.84
N VAL A 306 -13.35 -18.93 -8.07
CA VAL A 306 -12.78 -18.73 -9.40
C VAL A 306 -11.98 -19.92 -9.91
N SER A 307 -12.35 -20.40 -11.11
CA SER A 307 -11.56 -21.37 -11.87
C SER A 307 -10.88 -20.64 -13.05
N ALA A 308 -9.61 -20.97 -13.34
CA ALA A 308 -8.86 -20.30 -14.41
C ALA A 308 -8.74 -21.19 -15.65
N HIS A 309 -8.33 -20.57 -16.75
CA HIS A 309 -8.19 -21.26 -18.05
C HIS A 309 -7.00 -22.21 -18.04
N SER B 2 28.75 5.85 1.92
CA SER B 2 27.39 5.23 2.11
C SER B 2 26.52 6.08 3.02
N VAL B 3 25.20 6.06 2.80
CA VAL B 3 24.26 6.71 3.72
C VAL B 3 24.17 5.97 5.03
N HIS B 4 24.49 4.66 4.98
CA HIS B 4 24.49 3.84 6.19
C HIS B 4 25.85 3.81 6.87
N VAL B 5 25.97 4.70 7.84
CA VAL B 5 27.17 4.86 8.66
C VAL B 5 26.66 4.94 10.10
N PRO B 6 27.46 4.48 11.06
CA PRO B 6 27.02 4.46 12.45
C PRO B 6 26.77 5.86 12.99
N GLY B 7 25.81 5.97 13.91
CA GLY B 7 25.50 7.26 14.53
C GLY B 7 25.21 7.10 16.01
N HIS B 9 21.78 7.45 17.86
CA HIS B 9 20.88 6.67 18.71
C HIS B 9 20.99 5.14 18.47
N ALA B 10 22.16 4.66 18.05
CA ALA B 10 22.35 3.23 17.87
C ALA B 10 22.29 2.56 19.24
N MET B 11 21.88 1.30 19.26
CA MET B 11 21.67 0.56 20.50
C MET B 11 22.42 -0.77 20.48
N THR B 12 22.91 -1.16 21.65
CA THR B 12 23.49 -2.48 21.86
C THR B 12 22.34 -3.44 21.94
N ILE B 13 22.65 -4.74 21.95
CA ILE B 13 21.60 -5.77 22.09
C ILE B 13 20.85 -5.54 23.41
N GLN B 14 21.59 -5.32 24.49
CA GLN B 14 20.97 -5.12 25.80
C GLN B 14 20.05 -3.91 25.76
N GLU B 15 20.51 -2.82 25.15
CA GLU B 15 19.64 -1.64 25.03
C GLU B 15 18.42 -1.92 24.17
N LEU B 16 18.61 -2.71 23.11
CA LEU B 16 17.52 -3.06 22.17
C LEU B 16 16.42 -3.85 22.90
N VAL B 17 16.83 -4.78 23.74
CA VAL B 17 15.91 -5.61 24.52
C VAL B 17 15.02 -4.70 25.36
N ASP B 18 15.66 -3.74 26.04
CA ASP B 18 14.93 -2.84 26.92
C ASP B 18 14.05 -1.91 26.13
N TYR B 19 14.58 -1.38 25.03
CA TYR B 19 13.84 -0.49 24.15
C TYR B 19 12.54 -1.14 23.63
N VAL B 20 12.64 -2.37 23.10
CA VAL B 20 11.44 -3.05 22.57
C VAL B 20 10.49 -3.42 23.70
N ASN B 21 11.03 -3.83 24.84
CA ASN B 21 10.16 -4.15 25.99
C ASN B 21 9.34 -2.92 26.44
N ALA B 22 9.94 -1.74 26.37
CA ALA B 22 9.21 -0.52 26.72
C ALA B 22 8.11 -0.18 25.73
N ARG B 23 8.32 -0.49 24.46
CA ARG B 23 7.40 -0.03 23.43
C ARG B 23 6.33 -1.02 23.06
N GLN B 24 6.71 -2.29 22.98
CA GLN B 24 5.82 -3.37 22.58
C GLN B 24 5.33 -3.16 21.14
N LYS B 25 4.39 -3.98 20.70
CA LYS B 25 3.85 -3.85 19.35
C LYS B 25 3.31 -2.44 19.14
N GLN B 26 2.54 -1.93 20.09
CA GLN B 26 1.91 -0.60 19.92
C GLN B 26 2.95 0.48 19.66
N GLY B 27 3.99 0.51 20.49
CA GLY B 27 5.03 1.52 20.33
C GLY B 27 5.87 1.40 19.06
N ILE B 28 6.20 0.17 18.68
CA ILE B 28 6.99 -0.04 17.49
C ILE B 28 6.16 0.26 16.28
N TYR B 29 4.87 -0.11 16.30
CA TYR B 29 4.00 0.26 15.19
C TYR B 29 3.88 1.80 15.05
N GLU B 30 3.80 2.51 16.17
CA GLU B 30 3.75 4.00 16.13
C GLU B 30 5.02 4.56 15.48
N GLU B 31 6.15 3.91 15.79
CA GLU B 31 7.43 4.33 15.31
C GLU B 31 7.53 4.14 13.79
N TYR B 32 6.98 3.04 13.30
CA TYR B 32 6.90 2.86 11.86
C TYR B 32 6.09 4.00 11.23
N GLU B 33 4.97 4.35 11.86
CA GLU B 33 4.10 5.34 11.28
C GLU B 33 4.86 6.68 11.23
N ASP B 34 5.76 6.91 12.20
CA ASP B 34 6.60 8.11 12.16
C ASP B 34 7.47 8.11 10.92
N ILE B 35 8.04 6.97 10.58
CA ILE B 35 8.80 6.86 9.35
C ILE B 35 7.90 7.01 8.13
N ARG B 36 6.75 6.30 8.12
CA ARG B 36 5.80 6.29 6.99
C ARG B 36 5.23 7.67 6.67
N ARG B 37 5.19 8.53 7.68
CA ARG B 37 4.50 9.83 7.58
C ARG B 37 5.34 10.81 6.82
N GLU B 38 6.63 10.52 6.71
CA GLU B 38 7.56 11.43 5.99
C GLU B 38 7.35 11.48 4.48
N ASN B 39 7.41 12.67 3.89
CA ASN B 39 7.18 12.81 2.45
C ASN B 39 8.46 12.35 1.73
N PRO B 40 8.34 11.56 0.64
CA PRO B 40 9.55 11.16 -0.05
C PRO B 40 10.28 12.35 -0.68
N VAL B 41 11.60 12.29 -0.70
CA VAL B 41 12.41 13.29 -1.36
C VAL B 41 12.94 12.65 -2.62
N GLY B 42 12.79 13.36 -3.74
CA GLY B 42 13.10 12.83 -5.04
C GLY B 42 11.92 12.89 -5.99
N THR B 43 12.08 12.30 -7.17
CA THR B 43 11.07 12.37 -8.23
C THR B 43 10.96 10.95 -8.81
N PHE B 44 9.85 10.72 -9.51
CA PHE B 44 9.48 9.39 -10.00
C PHE B 44 9.11 9.47 -11.47
N HIS B 45 9.65 10.46 -12.17
CA HIS B 45 9.21 10.76 -13.54
C HIS B 45 9.37 9.60 -14.51
N CYS B 46 10.49 8.91 -14.45
CA CYS B 46 10.76 7.87 -15.44
C CYS B 46 9.85 6.69 -15.22
N SER B 47 9.73 6.30 -13.96
CA SER B 47 8.98 5.17 -13.60
C SER B 47 7.53 5.37 -13.99
N MET B 48 7.10 6.64 -14.04
CA MET B 48 5.70 6.92 -14.30
C MET B 48 5.45 7.38 -15.75
N SER B 49 6.45 7.26 -16.62
CA SER B 49 6.32 7.82 -17.96
C SER B 49 5.48 6.85 -18.83
N PRO B 50 4.85 7.37 -19.90
CA PRO B 50 4.00 6.55 -20.76
C PRO B 50 4.65 5.28 -21.27
N GLY B 51 5.91 5.36 -21.65
CA GLY B 51 6.54 4.22 -22.28
C GLY B 51 6.97 3.16 -21.28
N ASN B 52 6.96 3.50 -19.99
CA ASN B 52 7.42 2.55 -18.97
C ASN B 52 6.33 1.95 -18.13
N LEU B 53 5.09 2.33 -18.38
CA LEU B 53 4.01 1.89 -17.48
C LEU B 53 3.89 0.37 -17.46
N GLU B 54 4.08 -0.31 -18.59
CA GLU B 54 3.91 -1.77 -18.64
C GLU B 54 5.12 -2.50 -18.10
N LYS B 55 6.19 -1.76 -17.75
CA LYS B 55 7.42 -2.36 -17.21
C LYS B 55 7.35 -2.43 -15.70
N ASN B 56 6.31 -1.86 -15.09
CA ASN B 56 6.12 -1.88 -13.63
C ASN B 56 5.09 -2.97 -13.30
N ARG B 57 5.40 -3.79 -12.32
CA ARG B 57 4.44 -4.83 -11.92
C ARG B 57 3.25 -4.21 -11.19
N TYR B 58 3.50 -3.11 -10.46
CA TYR B 58 2.47 -2.48 -9.65
C TYR B 58 2.47 -0.97 -9.79
N GLY B 59 1.29 -0.40 -10.02
CA GLY B 59 1.15 1.04 -10.13
C GLY B 59 1.44 1.81 -8.85
N ASP B 60 1.44 1.13 -7.72
CA ASP B 60 1.66 1.79 -6.44
C ASP B 60 3.12 1.83 -6.02
N VAL B 61 3.99 1.21 -6.84
CA VAL B 61 5.41 1.09 -6.51
C VAL B 61 6.27 1.62 -7.67
N PRO B 62 6.25 2.95 -7.82
CA PRO B 62 7.27 3.53 -8.72
C PRO B 62 8.64 3.50 -8.08
N CYS B 63 9.65 3.90 -8.84
CA CYS B 63 10.99 4.01 -8.29
C CYS B 63 11.63 5.39 -8.56
N LEU B 64 12.47 5.81 -7.62
CA LEU B 64 13.09 7.09 -7.69
C LEU B 64 14.01 7.25 -8.91
N ASP B 65 13.87 8.41 -9.54
CA ASP B 65 14.75 8.77 -10.64
C ASP B 65 16.19 8.80 -10.21
N GLN B 66 16.41 9.28 -9.00
CA GLN B 66 17.76 9.59 -8.56
C GLN B 66 18.67 8.39 -8.30
N THR B 67 18.09 7.22 -8.09
CA THR B 67 18.82 6.03 -7.73
C THR B 67 18.46 4.84 -8.63
N ARG B 68 17.70 5.07 -9.69
CA ARG B 68 17.31 3.96 -10.52
C ARG B 68 18.48 3.40 -11.32
N VAL B 69 18.41 2.10 -11.58
CA VAL B 69 19.40 1.43 -12.44
C VAL B 69 19.04 1.64 -13.90
N LYS B 70 19.88 2.39 -14.62
CA LYS B 70 19.63 2.64 -16.03
C LYS B 70 20.25 1.51 -16.85
N LEU B 71 19.54 1.12 -17.91
CA LEU B 71 19.99 0.14 -18.88
C LEU B 71 20.53 0.88 -20.09
N THR B 72 21.53 0.31 -20.75
CA THR B 72 21.83 0.74 -22.10
C THR B 72 20.64 0.43 -23.01
N LYS B 73 20.59 1.13 -24.17
CA LYS B 73 19.57 0.93 -25.18
C LYS B 73 20.16 1.32 -26.52
N ARG B 74 19.46 0.97 -27.60
CA ARG B 74 19.79 1.42 -28.93
C ARG B 74 18.60 2.13 -29.49
N SER B 75 18.84 3.22 -30.21
CA SER B 75 17.78 4.01 -30.81
C SER B 75 17.05 3.21 -31.87
N GLY B 76 15.79 3.56 -32.13
CA GLY B 76 15.03 2.98 -33.26
C GLY B 76 14.69 1.51 -33.06
N HIS B 77 14.63 1.08 -31.80
CA HIS B 77 14.31 -0.33 -31.43
C HIS B 77 13.14 -0.44 -30.43
N THR B 78 12.33 0.62 -30.31
CA THR B 78 11.27 0.73 -29.32
C THR B 78 11.75 0.35 -27.93
N GLN B 79 12.93 0.85 -27.55
CA GLN B 79 13.50 0.51 -26.24
C GLN B 79 13.52 1.72 -25.35
N THR B 80 13.38 1.49 -24.04
CA THR B 80 13.71 2.53 -23.06
C THR B 80 14.85 2.05 -22.16
N ASP B 81 15.43 2.97 -21.42
CA ASP B 81 16.51 2.65 -20.49
C ASP B 81 16.05 2.17 -19.11
N TYR B 82 14.79 1.81 -18.98
CA TYR B 82 14.17 1.68 -17.65
C TYR B 82 13.95 0.24 -17.21
N ILE B 83 14.28 0.00 -15.94
CA ILE B 83 13.85 -1.17 -15.20
C ILE B 83 13.46 -0.67 -13.81
N ASN B 84 12.44 -1.25 -13.20
CA ASN B 84 12.04 -0.84 -11.86
C ASN B 84 12.99 -1.47 -10.84
N ALA B 85 14.09 -0.76 -10.59
CA ALA B 85 15.19 -1.28 -9.81
C ALA B 85 15.98 -0.09 -9.30
N SER B 86 16.38 -0.15 -8.02
CA SER B 86 17.09 0.93 -7.37
C SER B 86 18.43 0.49 -6.77
N PHE B 87 19.46 1.30 -6.95
CA PHE B 87 20.68 1.09 -6.17
C PHE B 87 20.41 1.47 -4.70
N MET B 88 20.95 0.67 -3.78
CA MET B 88 20.75 0.86 -2.33
C MET B 88 22.10 0.67 -1.64
N ASP B 89 22.46 1.61 -0.77
CA ASP B 89 23.68 1.46 -0.01
C ASP B 89 23.52 0.39 1.04
N GLY B 90 24.64 -0.18 1.45
CA GLY B 90 24.69 -1.08 2.58
C GLY B 90 25.56 -0.46 3.67
N TYR B 91 25.86 -1.23 4.71
CA TYR B 91 26.61 -0.69 5.83
C TYR B 91 28.02 -0.40 5.36
N LYS B 92 28.40 0.89 5.39
CA LYS B 92 29.68 1.37 4.90
C LYS B 92 30.08 0.84 3.50
N GLN B 93 29.09 0.74 2.62
CA GLN B 93 29.33 0.26 1.28
C GLN B 93 28.32 0.89 0.35
N LYS B 94 28.79 1.70 -0.59
CA LYS B 94 27.91 2.28 -1.61
C LYS B 94 27.40 1.20 -2.54
N ASN B 95 26.12 1.27 -2.89
CA ASN B 95 25.56 0.37 -3.90
C ASN B 95 25.80 -1.12 -3.57
N ALA B 96 25.50 -1.48 -2.33
CA ALA B 96 25.63 -2.86 -1.91
C ALA B 96 24.53 -3.73 -2.51
N TYR B 97 23.36 -3.15 -2.83
CA TYR B 97 22.24 -3.93 -3.34
C TYR B 97 21.60 -3.21 -4.49
N ILE B 98 20.92 -3.97 -5.34
CA ILE B 98 19.91 -3.46 -6.25
C ILE B 98 18.60 -4.12 -5.82
N GLY B 99 17.65 -3.28 -5.41
CA GLY B 99 16.35 -3.76 -4.98
C GLY B 99 15.43 -3.65 -6.17
N THR B 100 14.76 -4.75 -6.50
CA THR B 100 13.93 -4.76 -7.69
C THR B 100 12.68 -5.60 -7.50
N GLN B 101 11.76 -5.43 -8.45
CA GLN B 101 10.51 -6.19 -8.48
C GLN B 101 10.74 -7.58 -9.06
N GLY B 102 9.77 -8.47 -8.92
CA GLY B 102 9.78 -9.76 -9.59
C GLY B 102 9.61 -9.56 -11.07
N PRO B 103 10.58 -10.00 -11.87
CA PRO B 103 10.45 -9.82 -13.30
C PRO B 103 9.16 -10.33 -13.93
N LEU B 104 8.69 -9.55 -14.90
CA LEU B 104 7.56 -9.83 -15.78
C LEU B 104 8.11 -10.42 -17.10
N GLU B 105 7.27 -11.22 -17.76
CA GLU B 105 7.58 -11.76 -19.11
C GLU B 105 8.23 -10.73 -20.00
N ASN B 106 7.65 -9.52 -20.04
CA ASN B 106 8.16 -8.45 -20.89
C ASN B 106 9.36 -7.71 -20.34
N THR B 107 9.82 -8.08 -19.14
CA THR B 107 11.02 -7.49 -18.59
C THR B 107 12.11 -8.51 -18.20
N TYR B 108 11.95 -9.79 -18.54
CA TYR B 108 13.03 -10.78 -18.32
C TYR B 108 14.36 -10.31 -18.95
N ARG B 109 14.31 -9.85 -20.20
CA ARG B 109 15.48 -9.38 -20.89
C ARG B 109 16.11 -8.22 -20.19
N ASP B 110 15.29 -7.28 -19.71
CA ASP B 110 15.79 -6.10 -19.02
C ASP B 110 16.51 -6.52 -17.72
N PHE B 111 15.96 -7.51 -17.03
CA PHE B 111 16.54 -8.01 -15.78
C PHE B 111 17.92 -8.60 -16.05
N TRP B 112 18.01 -9.49 -17.03
CA TRP B 112 19.30 -10.10 -17.32
C TRP B 112 20.29 -9.07 -17.88
N LEU B 113 19.83 -8.11 -18.67
CA LEU B 113 20.75 -7.05 -19.11
C LEU B 113 21.32 -6.26 -17.92
N MET B 114 20.45 -5.94 -16.98
CA MET B 114 20.86 -5.32 -15.71
C MET B 114 21.93 -6.17 -14.97
N VAL B 115 21.63 -7.43 -14.79
CA VAL B 115 22.61 -8.35 -14.16
C VAL B 115 23.95 -8.33 -14.85
N TRP B 116 23.95 -8.38 -16.17
CA TRP B 116 25.20 -8.39 -16.94
C TRP B 116 25.94 -7.05 -16.76
N GLU B 117 25.24 -5.96 -17.04
CA GLU B 117 25.87 -4.62 -17.03
C GLU B 117 26.36 -4.18 -15.65
N GLN B 118 25.68 -4.61 -14.59
CA GLN B 118 26.06 -4.25 -13.22
C GLN B 118 27.03 -5.26 -12.59
N LYS B 119 27.41 -6.28 -13.37
CA LYS B 119 28.44 -7.25 -12.97
C LYS B 119 28.03 -8.05 -11.74
N VAL B 120 26.73 -8.30 -11.65
CA VAL B 120 26.13 -8.95 -10.49
C VAL B 120 26.58 -10.41 -10.43
N LEU B 121 26.95 -10.88 -9.22
CA LEU B 121 27.40 -12.24 -8.95
C LEU B 121 26.35 -13.07 -8.19
N VAL B 122 25.50 -12.38 -7.42
CA VAL B 122 24.50 -13.03 -6.59
C VAL B 122 23.12 -12.36 -6.71
N ILE B 123 22.10 -13.20 -6.90
CA ILE B 123 20.71 -12.80 -6.95
C ILE B 123 19.95 -13.45 -5.80
N VAL B 124 19.16 -12.66 -5.09
CA VAL B 124 18.37 -13.13 -3.95
C VAL B 124 16.90 -12.92 -4.26
N MET B 125 16.17 -14.03 -4.35
CA MET B 125 14.72 -14.03 -4.57
C MET B 125 14.03 -14.45 -3.27
N THR B 126 13.09 -13.62 -2.80
CA THR B 126 12.48 -13.87 -1.50
C THR B 126 11.01 -14.28 -1.61
N THR B 127 10.61 -14.79 -2.79
CA THR B 127 9.25 -15.22 -3.01
C THR B 127 9.20 -16.49 -3.84
N ARG B 128 8.01 -17.09 -3.86
CA ARG B 128 7.68 -18.07 -4.87
C ARG B 128 7.06 -17.31 -6.05
N PHE B 129 6.65 -18.01 -7.09
CA PHE B 129 6.06 -17.37 -8.26
C PHE B 129 4.68 -16.84 -7.99
N GLU B 130 3.92 -17.61 -7.20
CA GLU B 130 2.59 -17.22 -6.71
C GLU B 130 2.48 -17.63 -5.26
N GLU B 131 1.86 -16.77 -4.43
CA GLU B 131 1.57 -17.10 -3.07
C GLU B 131 0.19 -16.58 -2.71
N GLY B 132 -0.57 -17.38 -1.97
CA GLY B 132 -1.89 -16.94 -1.51
C GLY B 132 -2.85 -16.64 -2.66
N GLY B 133 -2.60 -17.24 -3.81
CA GLY B 133 -3.38 -17.01 -5.01
C GLY B 133 -3.02 -15.76 -5.80
N ARG B 134 -1.93 -15.09 -5.41
CA ARG B 134 -1.46 -13.85 -6.05
C ARG B 134 -0.08 -14.04 -6.69
N ARG B 135 0.04 -13.58 -7.92
CA ARG B 135 1.29 -13.63 -8.67
C ARG B 135 2.33 -12.72 -8.06
N LYS B 136 3.53 -13.23 -7.88
CA LYS B 136 4.64 -12.44 -7.28
C LYS B 136 5.85 -12.31 -8.22
N CYS B 137 6.00 -13.24 -9.16
CA CYS B 137 7.18 -13.24 -9.99
C CYS B 137 7.00 -14.19 -11.17
N GLY B 138 7.63 -13.84 -12.30
CA GLY B 138 7.66 -14.66 -13.50
C GLY B 138 8.79 -15.66 -13.43
N GLN B 139 8.71 -16.72 -14.23
CA GLN B 139 9.76 -17.71 -14.27
C GLN B 139 10.85 -17.19 -15.22
N TYR B 140 11.75 -16.35 -14.69
CA TYR B 140 12.71 -15.63 -15.52
C TYR B 140 14.04 -16.35 -15.71
N TRP B 141 14.17 -17.51 -15.10
CA TRP B 141 15.42 -18.30 -15.20
C TRP B 141 15.09 -19.75 -15.55
N PRO B 142 16.02 -20.43 -16.21
CA PRO B 142 15.86 -21.85 -16.53
C PRO B 142 15.88 -22.71 -15.26
N LEU B 143 14.81 -23.47 -15.02
CA LEU B 143 14.56 -24.05 -13.70
C LEU B 143 15.34 -25.32 -13.48
N GLU B 144 15.48 -26.12 -14.53
CA GLU B 144 16.13 -27.43 -14.47
C GLU B 144 17.60 -27.38 -14.90
N LYS B 145 18.43 -28.17 -14.22
CA LYS B 145 19.87 -28.27 -14.55
C LYS B 145 20.02 -28.58 -16.03
N ASP B 146 20.96 -27.90 -16.65
CA ASP B 146 21.28 -28.07 -18.07
C ASP B 146 20.35 -27.32 -19.05
N SER B 147 19.20 -26.78 -18.59
CA SER B 147 18.33 -25.97 -19.47
C SER B 147 18.92 -24.58 -19.70
N ARG B 148 18.46 -23.93 -20.77
CA ARG B 148 19.01 -22.66 -21.21
C ARG B 148 17.90 -21.78 -21.76
N ILE B 149 18.00 -20.48 -21.55
CA ILE B 149 17.09 -19.50 -22.16
C ILE B 149 17.97 -18.41 -22.73
N ARG B 150 17.53 -17.81 -23.82
CA ARG B 150 18.25 -16.72 -24.45
C ARG B 150 17.44 -15.45 -24.50
N PHE B 151 18.09 -14.33 -24.16
CA PHE B 151 17.55 -13.00 -24.39
C PHE B 151 18.51 -12.19 -25.23
N GLY B 152 18.24 -12.16 -26.54
CA GLY B 152 19.20 -11.59 -27.50
C GLY B 152 20.61 -12.12 -27.38
N PHE B 153 21.54 -11.23 -27.03
CA PHE B 153 22.95 -11.62 -26.90
C PHE B 153 23.31 -12.18 -25.52
N LEU B 154 22.30 -12.45 -24.68
CA LEU B 154 22.52 -13.03 -23.37
C LEU B 154 21.86 -14.40 -23.31
N THR B 155 22.65 -15.43 -23.01
CA THR B 155 22.15 -16.78 -22.81
C THR B 155 22.41 -17.18 -21.39
N VAL B 156 21.37 -17.69 -20.73
CA VAL B 156 21.44 -18.09 -19.34
C VAL B 156 21.22 -19.62 -19.25
N THR B 157 22.18 -20.31 -18.61
CA THR B 157 22.16 -21.78 -18.48
C THR B 157 22.19 -22.18 -17.03
N ASN B 158 21.37 -23.18 -16.68
CA ASN B 158 21.33 -23.72 -15.34
C ASN B 158 22.43 -24.75 -15.18
N LEU B 159 23.38 -24.47 -14.29
CA LEU B 159 24.50 -25.39 -14.06
C LEU B 159 24.30 -26.32 -12.90
N GLY B 160 23.25 -26.11 -12.13
CA GLY B 160 22.97 -26.99 -11.02
C GLY B 160 22.08 -26.35 -9.98
N VAL B 161 21.34 -27.20 -9.26
CA VAL B 161 20.45 -26.76 -8.21
C VAL B 161 20.73 -27.54 -6.95
N GLU B 162 20.86 -26.83 -5.83
CA GLU B 162 20.95 -27.49 -4.52
C GLU B 162 19.72 -27.12 -3.71
N ASN B 163 19.00 -28.14 -3.25
CA ASN B 163 17.78 -27.94 -2.53
C ASN B 163 18.07 -28.07 -1.04
N MET B 164 18.11 -26.93 -0.37
CA MET B 164 18.29 -26.89 1.08
C MET B 164 16.92 -26.82 1.72
N ASN B 165 16.83 -26.73 3.03
CA ASN B 165 15.50 -26.94 3.63
C ASN B 165 14.57 -25.79 3.23
N HIS B 166 15.12 -24.60 3.40
CA HIS B 166 14.35 -23.37 3.38
C HIS B 166 14.68 -22.50 2.16
N TYR B 167 15.60 -22.97 1.32
CA TYR B 167 16.01 -22.26 0.11
C TYR B 167 16.59 -23.19 -0.93
N LYS B 168 16.64 -22.71 -2.17
CA LYS B 168 17.25 -23.41 -3.29
C LYS B 168 18.37 -22.53 -3.83
N LYS B 169 19.51 -23.16 -4.08
CA LYS B 169 20.66 -22.45 -4.65
C LYS B 169 20.86 -22.95 -6.09
N THR B 170 20.71 -22.05 -7.06
CA THR B 170 20.90 -22.40 -8.46
C THR B 170 22.11 -21.67 -9.01
N THR B 171 23.01 -22.43 -9.61
CA THR B 171 24.17 -21.85 -10.27
C THR B 171 23.85 -21.63 -11.73
N LEU B 172 24.06 -20.42 -12.18
CA LEU B 172 23.75 -20.04 -13.54
C LEU B 172 25.00 -19.53 -14.24
N GLU B 173 25.05 -19.80 -15.53
CA GLU B 173 26.06 -19.18 -16.40
C GLU B 173 25.37 -18.19 -17.31
N ILE B 174 25.89 -16.98 -17.38
CA ILE B 174 25.43 -16.01 -18.33
C ILE B 174 26.52 -15.82 -19.36
N HIS B 175 26.14 -16.00 -20.60
CA HIS B 175 27.03 -15.92 -21.75
C HIS B 175 26.58 -14.73 -22.59
N ASN B 176 27.43 -13.71 -22.63
CA ASN B 176 27.26 -12.58 -23.55
C ASN B 176 27.98 -12.93 -24.84
N THR B 177 27.18 -13.20 -25.87
CA THR B 177 27.69 -13.70 -27.13
C THR B 177 28.02 -12.57 -28.10
N GLU B 178 27.83 -11.33 -27.69
CA GLU B 178 28.34 -10.19 -28.42
C GLU B 178 29.75 -9.95 -27.91
N GLU B 179 29.86 -9.66 -26.61
CA GLU B 179 31.16 -9.43 -25.97
C GLU B 179 32.03 -10.68 -25.95
N ARG B 180 31.43 -11.86 -26.16
CA ARG B 180 32.13 -13.14 -26.12
C ARG B 180 32.75 -13.37 -24.73
N GLN B 181 31.95 -13.19 -23.69
CA GLN B 181 32.40 -13.38 -22.32
C GLN B 181 31.36 -14.17 -21.55
N LYS B 182 31.80 -14.90 -20.52
CA LYS B 182 30.94 -15.72 -19.67
C LYS B 182 31.15 -15.40 -18.18
N ARG B 183 30.09 -15.54 -17.38
CA ARG B 183 30.16 -15.28 -15.95
C ARG B 183 29.28 -16.26 -15.22
N GLN B 184 29.71 -16.69 -14.05
CA GLN B 184 28.91 -17.56 -13.20
C GLN B 184 28.18 -16.71 -12.16
N VAL B 185 26.86 -16.89 -12.06
CA VAL B 185 25.99 -16.15 -11.15
C VAL B 185 25.24 -17.14 -10.24
N THR B 186 25.07 -16.81 -8.96
CA THR B 186 24.40 -17.72 -8.04
C THR B 186 23.06 -17.08 -7.71
N HIS B 187 22.01 -17.88 -7.82
CA HIS B 187 20.62 -17.46 -7.60
C HIS B 187 20.11 -18.22 -6.39
N PHE B 188 19.71 -17.48 -5.36
CA PHE B 188 19.18 -18.01 -4.14
C PHE B 188 17.71 -17.67 -4.07
N GLN B 189 16.88 -18.68 -3.85
CA GLN B 189 15.45 -18.49 -3.67
C GLN B 189 15.06 -18.99 -2.30
N PHE B 190 14.58 -18.08 -1.47
CA PHE B 190 14.10 -18.38 -0.13
C PHE B 190 12.66 -18.81 -0.23
N LEU B 191 12.35 -19.97 0.35
CA LEU B 191 11.06 -20.63 0.10
C LEU B 191 10.11 -20.56 1.31
N SER B 192 10.63 -20.11 2.45
CA SER B 192 9.93 -20.22 3.74
C SER B 192 9.42 -18.90 4.34
N TRP B 193 9.10 -17.89 3.53
CA TRP B 193 8.48 -16.63 4.05
C TRP B 193 6.94 -16.79 4.02
N PRO B 199 7.71 -14.57 8.85
CA PRO B 199 8.02 -15.79 9.50
C PRO B 199 7.81 -15.73 11.01
N SER B 200 7.25 -16.78 11.61
CA SER B 200 7.05 -16.78 13.06
C SER B 200 8.42 -16.86 13.76
N SER B 201 9.40 -17.42 13.06
CA SER B 201 10.79 -17.45 13.55
C SER B 201 11.76 -17.00 12.47
N ALA B 202 12.72 -16.16 12.85
CA ALA B 202 13.64 -15.52 11.91
C ALA B 202 14.89 -16.36 11.61
N ALA B 203 14.97 -17.56 12.16
CA ALA B 203 16.18 -18.40 12.02
C ALA B 203 16.48 -18.84 10.61
N SER B 204 15.48 -19.36 9.91
CA SER B 204 15.62 -19.77 8.51
C SER B 204 16.20 -18.59 7.69
N LEU B 205 15.67 -17.40 7.94
CA LEU B 205 16.03 -16.21 7.17
C LEU B 205 17.43 -15.69 7.45
N ILE B 206 17.82 -15.66 8.72
CA ILE B 206 19.15 -15.23 9.07
C ILE B 206 20.21 -16.22 8.55
N ASP B 207 19.95 -17.53 8.63
CA ASP B 207 20.82 -18.56 8.01
C ASP B 207 20.98 -18.28 6.51
N PHE B 208 19.86 -17.96 5.88
CA PHE B 208 19.82 -17.66 4.47
C PHE B 208 20.70 -16.44 4.15
N LEU B 209 20.60 -15.38 4.96
CA LEU B 209 21.46 -14.19 4.82
C LEU B 209 22.96 -14.53 4.91
N ARG B 210 23.35 -15.36 5.88
CA ARG B 210 24.75 -15.73 6.03
C ARG B 210 25.24 -16.45 4.81
N VAL B 211 24.40 -17.31 4.28
CA VAL B 211 24.72 -18.07 3.08
C VAL B 211 24.93 -17.14 1.88
N VAL B 212 24.00 -16.22 1.68
CA VAL B 212 24.13 -15.18 0.65
C VAL B 212 25.42 -14.36 0.80
N ARG B 213 25.72 -13.86 2.00
CA ARG B 213 26.93 -13.08 2.20
C ARG B 213 28.19 -13.91 1.91
N ASN B 214 28.17 -15.16 2.35
CA ASN B 214 29.31 -16.06 2.12
C ASN B 214 29.55 -16.24 0.63
N GLN B 215 28.48 -16.46 -0.13
CA GLN B 215 28.61 -16.64 -1.58
C GLN B 215 29.14 -15.37 -2.24
N GLN B 216 28.63 -14.20 -1.86
CA GLN B 216 29.10 -12.91 -2.39
C GLN B 216 30.61 -12.74 -2.15
N SER B 217 31.03 -13.04 -0.93
CA SER B 217 32.43 -12.92 -0.54
C SER B 217 33.32 -13.85 -1.38
N LEU B 218 32.88 -15.11 -1.52
CA LEU B 218 33.59 -16.08 -2.36
C LEU B 218 33.70 -15.60 -3.78
N ALA B 219 32.59 -15.13 -4.35
CA ALA B 219 32.57 -14.72 -5.75
C ALA B 219 33.46 -13.48 -5.97
N VAL B 220 33.41 -12.53 -5.04
CA VAL B 220 34.24 -11.31 -5.14
C VAL B 220 35.73 -11.62 -4.97
N SER B 221 36.08 -12.51 -4.05
CA SER B 221 37.49 -12.84 -3.84
C SER B 221 38.05 -13.56 -5.05
N ASN B 222 37.20 -14.30 -5.77
CA ASN B 222 37.58 -14.96 -7.03
C ASN B 222 37.70 -13.97 -8.19
N MET B 223 37.00 -12.85 -8.08
CA MET B 223 37.05 -11.78 -9.10
C MET B 223 38.48 -11.31 -9.35
N PRO B 232 35.79 -2.58 -7.49
CA PRO B 232 34.50 -2.19 -6.91
C PRO B 232 33.53 -3.38 -6.79
N GLU B 233 33.11 -3.68 -5.57
CA GLU B 233 32.22 -4.79 -5.30
C GLU B 233 30.82 -4.62 -5.94
N PRO B 234 30.40 -5.60 -6.76
CA PRO B 234 29.10 -5.46 -7.39
C PRO B 234 27.98 -5.57 -6.39
N PRO B 235 26.81 -5.00 -6.73
CA PRO B 235 25.68 -5.18 -5.86
C PRO B 235 25.12 -6.58 -5.93
N ILE B 236 24.47 -6.96 -4.84
CA ILE B 236 23.61 -8.12 -4.78
C ILE B 236 22.21 -7.68 -5.21
N VAL B 237 21.67 -8.34 -6.23
CA VAL B 237 20.28 -8.09 -6.62
C VAL B 237 19.35 -8.78 -5.60
N VAL B 238 18.37 -8.04 -5.05
CA VAL B 238 17.41 -8.58 -4.07
C VAL B 238 16.05 -8.25 -4.61
N HIS B 239 15.18 -9.24 -4.76
CA HIS B 239 13.82 -8.94 -5.18
C HIS B 239 12.80 -9.74 -4.44
N CYS B 240 11.59 -9.20 -4.49
CA CYS B 240 10.35 -9.83 -4.02
C CYS B 240 9.31 -9.33 -5.03
N SER B 241 8.03 -9.35 -4.71
CA SER B 241 7.03 -8.97 -5.72
C SER B 241 7.30 -7.59 -6.30
N ALA B 242 7.40 -6.59 -5.40
CA ALA B 242 7.59 -5.20 -5.79
C ALA B 242 8.94 -4.64 -5.41
N GLY B 243 9.73 -5.39 -4.65
CA GLY B 243 11.04 -4.89 -4.25
C GLY B 243 11.07 -3.88 -3.14
N ILE B 244 10.04 -3.91 -2.30
CA ILE B 244 9.95 -3.00 -1.13
C ILE B 244 9.68 -3.69 0.21
N GLY B 245 8.89 -4.76 0.26
CA GLY B 245 8.55 -5.37 1.57
C GLY B 245 9.61 -6.33 2.04
N ARG B 246 9.59 -7.54 1.51
CA ARG B 246 10.57 -8.55 1.89
C ARG B 246 11.98 -8.09 1.50
N THR B 247 12.09 -7.43 0.34
CA THR B 247 13.41 -6.92 -0.12
C THR B 247 13.97 -5.91 0.89
N GLY B 248 13.12 -4.97 1.33
CA GLY B 248 13.50 -3.97 2.31
C GLY B 248 13.89 -4.62 3.62
N THR B 249 13.15 -5.65 4.04
CA THR B 249 13.46 -6.37 5.28
C THR B 249 14.79 -7.11 5.22
N PHE B 250 15.01 -7.85 4.13
CA PHE B 250 16.27 -8.53 3.93
C PHE B 250 17.42 -7.54 4.01
N CYS B 251 17.34 -6.45 3.25
CA CYS B 251 18.46 -5.50 3.23
C CYS B 251 18.62 -4.79 4.57
N SER B 252 17.52 -4.47 5.22
CA SER B 252 17.64 -3.78 6.52
C SER B 252 18.26 -4.68 7.56
N LEU B 253 17.86 -5.95 7.58
CA LEU B 253 18.49 -6.90 8.50
C LEU B 253 19.97 -7.05 8.24
N ASP B 254 20.37 -7.15 6.96
CA ASP B 254 21.77 -7.27 6.62
C ASP B 254 22.59 -6.06 7.14
N ILE B 255 22.06 -4.87 6.91
CA ILE B 255 22.75 -3.65 7.32
C ILE B 255 22.91 -3.64 8.83
N CYS B 256 21.80 -3.89 9.54
CA CYS B 256 21.80 -3.90 11.00
C CYS B 256 22.80 -4.91 11.53
N LEU B 257 22.84 -6.11 10.95
CA LEU B 257 23.77 -7.14 11.47
C LEU B 257 25.22 -6.84 11.17
N ALA B 258 25.47 -6.18 10.04
CA ALA B 258 26.81 -5.71 9.72
C ALA B 258 27.25 -4.65 10.74
N GLN B 259 26.36 -3.72 11.11
CA GLN B 259 26.74 -2.73 12.09
C GLN B 259 26.98 -3.37 13.44
N LEU B 260 26.18 -4.37 13.79
CA LEU B 260 26.30 -5.06 15.03
C LEU B 260 27.66 -5.76 15.08
N GLU B 261 28.03 -6.41 13.99
CA GLU B 261 29.33 -7.05 13.86
C GLU B 261 30.49 -6.08 14.15
N GLU B 262 30.54 -4.97 13.44
CA GLU B 262 31.66 -4.04 13.60
C GLU B 262 31.65 -3.20 14.87
N LEU B 263 30.49 -2.64 15.23
CA LEU B 263 30.36 -1.68 16.34
C LEU B 263 29.61 -2.21 17.58
N GLY B 264 28.97 -3.37 17.49
CA GLY B 264 28.18 -3.85 18.60
C GLY B 264 26.88 -3.13 18.84
N THR B 265 26.44 -2.34 17.86
CA THR B 265 25.19 -1.59 17.95
C THR B 265 24.46 -1.67 16.62
N LEU B 266 23.19 -1.28 16.62
CA LEU B 266 22.45 -1.16 15.39
C LEU B 266 21.35 -0.10 15.57
N ASN B 267 20.75 0.32 14.45
CA ASN B 267 19.75 1.37 14.44
C ASN B 267 18.74 1.09 13.35
N VAL B 268 17.65 0.42 13.74
CA VAL B 268 16.62 0.01 12.81
C VAL B 268 15.98 1.25 12.20
N PHE B 269 15.63 2.21 13.05
CA PHE B 269 14.98 3.43 12.61
C PHE B 269 15.79 4.14 11.55
N GLN B 270 17.08 4.30 11.80
CA GLN B 270 17.91 5.04 10.81
C GLN B 270 18.14 4.23 9.56
N THR B 271 18.32 2.90 9.71
CA THR B 271 18.49 2.00 8.54
C THR B 271 17.30 2.08 7.60
N VAL B 272 16.09 1.96 8.15
CA VAL B 272 14.91 1.95 7.31
C VAL B 272 14.64 3.35 6.72
N SER B 273 14.77 4.38 7.55
CA SER B 273 14.60 5.77 7.10
C SER B 273 15.54 6.10 5.94
N ARG B 274 16.80 5.74 6.10
CA ARG B 274 17.80 5.99 5.05
C ARG B 274 17.52 5.14 3.79
N MET B 275 17.18 3.87 3.97
CA MET B 275 16.84 3.02 2.82
C MET B 275 15.72 3.61 1.97
N ARG B 276 14.70 4.19 2.62
CA ARG B 276 13.54 4.73 1.92
C ARG B 276 13.88 5.96 1.07
N THR B 277 15.09 6.51 1.20
CA THR B 277 15.59 7.60 0.33
C THR B 277 16.27 7.07 -0.95
N GLN B 278 16.42 5.75 -1.00
CA GLN B 278 17.10 5.07 -2.07
C GLN B 278 16.17 4.06 -2.76
N ARG B 279 15.56 3.15 -2.02
CA ARG B 279 14.45 2.35 -2.58
C ARG B 279 13.22 2.85 -1.89
N ALA B 280 12.53 3.76 -2.56
CA ALA B 280 11.35 4.38 -2.02
C ALA B 280 10.39 3.32 -1.56
N PHE B 281 9.72 3.58 -0.42
CA PHE B 281 8.64 2.74 0.10
C PHE B 281 9.10 1.44 0.80
N SER B 282 10.40 1.31 0.99
CA SER B 282 11.02 0.12 1.59
C SER B 282 10.43 -0.07 2.99
N ILE B 283 10.01 -1.30 3.25
CA ILE B 283 9.31 -1.70 4.51
C ILE B 283 7.89 -1.16 4.42
N GLN B 284 6.95 -2.05 4.10
CA GLN B 284 5.64 -1.62 3.65
C GLN B 284 4.59 -1.59 4.77
N THR B 285 4.83 -2.35 5.83
CA THR B 285 3.86 -2.48 6.91
C THR B 285 4.52 -2.37 8.29
N PRO B 286 3.76 -1.91 9.30
CA PRO B 286 4.21 -1.91 10.69
C PRO B 286 4.76 -3.27 11.11
N GLU B 287 4.09 -4.35 10.70
CA GLU B 287 4.52 -5.68 11.09
C GLU B 287 5.87 -6.01 10.47
N GLN B 288 6.11 -5.61 9.21
CA GLN B 288 7.46 -5.81 8.68
C GLN B 288 8.54 -5.08 9.47
N TYR B 289 8.21 -3.86 9.88
CA TYR B 289 9.11 -3.04 10.69
C TYR B 289 9.35 -3.67 12.06
N TYR B 290 8.28 -4.12 12.69
CA TYR B 290 8.41 -4.78 14.00
C TYR B 290 9.19 -6.06 13.86
N PHE B 291 8.98 -6.74 12.74
CA PHE B 291 9.72 -7.97 12.47
C PHE B 291 11.23 -7.75 12.46
N CYS B 292 11.67 -6.60 11.95
CA CYS B 292 13.12 -6.34 11.95
C CYS B 292 13.66 -6.38 13.38
N TYR B 293 12.98 -5.71 14.27
CA TYR B 293 13.34 -5.74 15.69
C TYR B 293 13.32 -7.16 16.23
N LYS B 294 12.21 -7.84 16.05
CA LYS B 294 12.03 -9.15 16.62
C LYS B 294 13.07 -10.15 16.14
N ALA B 295 13.37 -10.09 14.86
CA ALA B 295 14.32 -11.00 14.20
C ALA B 295 15.71 -10.84 14.79
N ILE B 296 16.11 -9.58 14.97
CA ILE B 296 17.40 -9.28 15.59
C ILE B 296 17.47 -9.84 17.01
N LEU B 297 16.40 -9.62 17.77
CA LEU B 297 16.37 -10.07 19.16
C LEU B 297 16.38 -11.58 19.25
N GLU B 298 15.62 -12.22 18.35
CA GLU B 298 15.57 -13.69 18.32
C GLU B 298 16.95 -14.27 18.02
N PHE B 299 17.60 -13.71 17.01
CA PHE B 299 18.97 -14.08 16.64
C PHE B 299 19.93 -13.88 17.82
N ALA B 300 19.84 -12.70 18.41
CA ALA B 300 20.67 -12.36 19.57
C ALA B 300 20.54 -13.38 20.68
N GLU B 301 19.29 -13.77 21.02
CA GLU B 301 19.05 -14.77 22.04
C GLU B 301 19.64 -16.12 21.67
N LYS B 302 19.37 -16.58 20.46
CA LYS B 302 19.93 -17.84 19.95
C LYS B 302 21.47 -17.86 19.98
N GLU B 303 22.10 -16.74 19.65
CA GLU B 303 23.55 -16.61 19.60
C GLU B 303 24.23 -16.40 20.97
N GLY B 304 23.45 -16.31 22.05
CA GLY B 304 23.98 -16.14 23.38
C GLY B 304 24.44 -14.73 23.68
N MET B 305 23.87 -13.77 22.96
CA MET B 305 24.26 -12.37 23.14
C MET B 305 23.52 -11.69 24.25
N VAL B 306 22.40 -12.26 24.73
CA VAL B 306 21.58 -11.57 25.74
C VAL B 306 21.94 -11.94 27.17
#